data_7QXL
#
_entry.id   7QXL
#
_cell.length_a   37.460
_cell.length_b   34.960
_cell.length_c   37.827
_cell.angle_alpha   90.000
_cell.angle_beta   92.740
_cell.angle_gamma   90.000
#
_symmetry.space_group_name_H-M   'P 1 21 1'
#
loop_
_entity.id
_entity.type
_entity.pdbx_description
1 polymer 'Bromodomain adjacent to zinc finger domain protein 2A'
2 non-polymer 1-[2-methyl-5-(2-piperazin-1-yl-1,3-thiazol-4-yl)-4-[3,3,3-tris(fluoranyl)propyl]-1~{H}-pyrrol-3-yl]ethanone
3 water water
#
_entity_poly.entity_id   1
_entity_poly.type   'polypeptide(L)'
_entity_poly.pdbx_seq_one_letter_code
;SMHSDLTFCEIILMEMESHDAAWPFLEPVNPRLVSGYRRIIKNPMDFSTMRHRLSRGGYTSSEEFAADALLVFDNCQTFN
EDDSEVGKAGHIMRRFFESRWEEFY
;
_entity_poly.pdbx_strand_id   A
#
loop_
_chem_comp.id
_chem_comp.type
_chem_comp.name
_chem_comp.formula
GGQ non-polymer 1-[2-methyl-5-(2-piperazin-1-yl-1,3-thiazol-4-yl)-4-[3,3,3-tris(fluoranyl)propyl]-1~{H}-pyrrol-3-yl]ethanone 'C17 H21 F3 N4 O S'
#
# COMPACT_ATOMS: atom_id res chain seq x y z
N SER A 1 -11.70 -15.38 -7.38
CA SER A 1 -11.77 -14.08 -6.71
C SER A 1 -11.37 -14.22 -5.24
N MET A 2 -11.36 -13.09 -4.53
CA MET A 2 -10.91 -13.07 -3.14
C MET A 2 -11.68 -14.07 -2.28
N HIS A 3 -10.95 -14.85 -1.49
CA HIS A 3 -11.59 -15.72 -0.51
C HIS A 3 -12.09 -14.89 0.67
N SER A 4 -13.24 -15.28 1.20
CA SER A 4 -13.83 -14.50 2.29
CA SER A 4 -13.87 -14.59 2.33
C SER A 4 -12.92 -14.43 3.51
N ASP A 5 -12.00 -15.38 3.70
CA ASP A 5 -11.08 -15.30 4.82
C ASP A 5 -10.18 -14.07 4.77
N LEU A 6 -10.02 -13.42 3.61
CA LEU A 6 -9.21 -12.22 3.49
C LEU A 6 -10.03 -10.95 3.55
N THR A 7 -11.31 -11.02 3.94
CA THR A 7 -12.11 -9.80 4.02
C THR A 7 -11.48 -8.79 4.97
N PHE A 8 -10.84 -9.24 6.04
CA PHE A 8 -10.19 -8.29 6.95
C PHE A 8 -9.10 -7.49 6.25
N CYS A 9 -8.42 -8.08 5.27
CA CYS A 9 -7.44 -7.32 4.50
C CYS A 9 -8.12 -6.31 3.59
N GLU A 10 -9.25 -6.69 2.99
CA GLU A 10 -10.01 -5.77 2.16
C GLU A 10 -10.41 -4.53 2.96
N ILE A 11 -10.79 -4.74 4.22
CA ILE A 11 -11.19 -3.64 5.09
C ILE A 11 -9.99 -2.77 5.45
N ILE A 12 -8.86 -3.39 5.80
CA ILE A 12 -7.66 -2.61 6.11
C ILE A 12 -7.28 -1.73 4.92
N LEU A 13 -7.31 -2.29 3.72
CA LEU A 13 -6.95 -1.51 2.56
C LEU A 13 -7.93 -0.35 2.32
N MET A 14 -9.23 -0.62 2.47
CA MET A 14 -10.22 0.46 2.37
C MET A 14 -9.91 1.57 3.35
N GLU A 15 -9.58 1.20 4.59
CA GLU A 15 -9.31 2.20 5.61
C GLU A 15 -8.04 2.97 5.28
N MET A 16 -7.03 2.27 4.76
CA MET A 16 -5.82 2.97 4.32
C MET A 16 -6.14 3.98 3.23
N GLU A 17 -6.90 3.58 2.21
CA GLU A 17 -7.21 4.47 1.10
C GLU A 17 -7.96 5.71 1.57
N SER A 18 -8.72 5.59 2.67
CA SER A 18 -9.49 6.72 3.20
C SER A 18 -8.67 7.65 4.07
N HIS A 19 -7.47 7.26 4.44
CA HIS A 19 -6.67 8.00 5.40
C HIS A 19 -6.17 9.30 4.78
N ASP A 20 -6.04 10.32 5.63
CA ASP A 20 -5.64 11.63 5.12
C ASP A 20 -4.23 11.63 4.53
N ALA A 21 -3.37 10.68 4.92
CA ALA A 21 -2.02 10.59 4.40
C ALA A 21 -1.90 9.63 3.23
N ALA A 22 -3.01 9.14 2.71
CA ALA A 22 -2.94 8.12 1.69
C ALA A 22 -2.79 8.66 0.28
N TRP A 23 -3.01 9.96 0.07
CA TRP A 23 -3.11 10.50 -1.28
C TRP A 23 -1.92 10.14 -2.16
N PRO A 24 -0.67 10.16 -1.70
CA PRO A 24 0.42 9.80 -2.63
C PRO A 24 0.35 8.41 -3.17
N PHE A 25 -0.38 7.50 -2.51
CA PHE A 25 -0.24 6.07 -2.72
C PHE A 25 -1.47 5.46 -3.36
N LEU A 26 -2.46 6.27 -3.74
CA LEU A 26 -3.74 5.73 -4.20
C LEU A 26 -3.60 5.05 -5.55
N GLU A 27 -2.75 5.56 -6.42
CA GLU A 27 -2.59 5.08 -7.78
C GLU A 27 -1.10 4.93 -8.06
N PRO A 28 -0.72 4.20 -9.11
CA PRO A 28 0.71 4.06 -9.43
C PRO A 28 1.39 5.42 -9.54
N VAL A 29 2.64 5.49 -9.10
CA VAL A 29 3.42 6.72 -9.27
C VAL A 29 3.41 7.08 -10.74
N ASN A 30 3.05 8.34 -11.02
CA ASN A 30 2.66 8.76 -12.35
C ASN A 30 3.83 9.45 -13.04
N PRO A 31 4.36 8.92 -14.15
CA PRO A 31 5.47 9.60 -14.85
C PRO A 31 5.11 10.99 -15.37
N ARG A 32 3.83 11.30 -15.51
CA ARG A 32 3.45 12.66 -15.91
C ARG A 32 3.78 13.66 -14.82
N LEU A 33 3.91 13.20 -13.58
CA LEU A 33 4.10 14.07 -12.42
C LEU A 33 5.46 13.93 -11.77
N VAL A 34 6.13 12.81 -11.95
CA VAL A 34 7.34 12.41 -11.22
C VAL A 34 8.29 11.84 -12.26
N SER A 35 9.48 12.39 -12.40
CA SER A 35 10.48 11.81 -13.29
C SER A 35 11.45 10.89 -12.53
N GLY A 36 11.98 9.90 -13.25
CA GLY A 36 13.04 9.04 -12.75
C GLY A 36 12.62 8.03 -11.69
N TYR A 37 11.33 7.70 -11.61
CA TYR A 37 10.87 6.84 -10.51
C TYR A 37 11.23 5.38 -10.75
N ARG A 38 10.76 4.81 -11.85
CA ARG A 38 11.04 3.42 -12.16
C ARG A 38 12.51 3.18 -12.47
N ARG A 39 13.28 4.24 -12.74
CA ARG A 39 14.71 4.08 -12.86
C ARG A 39 15.32 3.52 -11.57
N ILE A 40 14.75 3.90 -10.43
CA ILE A 40 15.25 3.53 -9.10
C ILE A 40 14.40 2.44 -8.46
N ILE A 41 13.08 2.50 -8.63
CA ILE A 41 12.16 1.65 -7.91
C ILE A 41 11.79 0.50 -8.82
N LYS A 42 12.31 -0.69 -8.52
CA LYS A 42 12.14 -1.81 -9.44
C LYS A 42 10.83 -2.57 -9.22
N ASN A 43 10.14 -2.37 -8.11
CA ASN A 43 8.84 -3.01 -7.86
C ASN A 43 7.83 -1.98 -7.35
N PRO A 44 7.32 -1.13 -8.23
CA PRO A 44 6.31 -0.16 -7.81
C PRO A 44 5.09 -0.85 -7.22
N MET A 45 4.44 -0.19 -6.27
CA MET A 45 3.19 -0.70 -5.71
C MET A 45 2.37 0.48 -5.23
N ASP A 46 1.05 0.31 -5.27
CA ASP A 46 0.12 1.36 -4.86
C ASP A 46 -1.18 0.70 -4.41
N PHE A 47 -2.03 1.48 -3.74
CA PHE A 47 -3.24 0.89 -3.16
C PHE A 47 -4.25 0.43 -4.21
N SER A 48 -4.36 1.08 -5.37
CA SER A 48 -5.31 0.63 -6.39
CA SER A 48 -5.31 0.63 -6.39
C SER A 48 -4.88 -0.71 -6.96
N THR A 49 -3.58 -0.88 -7.23
CA THR A 49 -3.07 -2.16 -7.68
C THR A 49 -3.38 -3.25 -6.67
N MET A 50 -3.13 -2.95 -5.39
CA MET A 50 -3.44 -3.92 -4.34
C MET A 50 -4.93 -4.25 -4.29
N ARG A 51 -5.78 -3.24 -4.44
CA ARG A 51 -7.22 -3.45 -4.35
C ARG A 51 -7.70 -4.39 -5.44
N HIS A 52 -7.18 -4.21 -6.64
CA HIS A 52 -7.57 -5.08 -7.75
C HIS A 52 -6.99 -6.47 -7.60
N ARG A 53 -5.75 -6.56 -7.13
CA ARG A 53 -5.13 -7.87 -6.93
C ARG A 53 -5.89 -8.64 -5.88
N LEU A 54 -6.23 -7.99 -4.77
CA LEU A 54 -6.95 -8.66 -3.70
C LEU A 54 -8.28 -9.15 -4.21
N SER A 55 -9.03 -8.30 -4.92
CA SER A 55 -10.38 -8.68 -5.32
CA SER A 55 -10.37 -8.66 -5.35
C SER A 55 -10.37 -9.82 -6.34
N ARG A 56 -9.37 -9.90 -7.23
CA ARG A 56 -9.37 -10.94 -8.24
CA ARG A 56 -9.36 -10.94 -8.25
C ARG A 56 -8.79 -12.27 -7.76
N GLY A 57 -8.29 -12.34 -6.54
CA GLY A 57 -7.69 -13.57 -6.04
C GLY A 57 -6.19 -13.65 -6.17
N GLY A 58 -5.52 -12.53 -6.42
CA GLY A 58 -4.09 -12.53 -6.59
C GLY A 58 -3.29 -12.58 -5.31
N TYR A 59 -3.95 -12.45 -4.16
CA TYR A 59 -3.34 -12.74 -2.86
C TYR A 59 -3.96 -14.02 -2.34
N THR A 60 -3.16 -15.07 -2.26
CA THR A 60 -3.63 -16.30 -1.65
C THR A 60 -3.66 -16.19 -0.14
N SER A 61 -2.76 -15.42 0.45
CA SER A 61 -2.63 -15.31 1.89
C SER A 61 -2.51 -13.86 2.31
N SER A 62 -2.83 -13.63 3.57
CA SER A 62 -2.69 -12.31 4.15
C SER A 62 -1.24 -11.85 4.17
N GLU A 63 -0.29 -12.77 4.27
CA GLU A 63 1.12 -12.38 4.27
C GLU A 63 1.51 -11.74 2.94
N GLU A 64 0.96 -12.25 1.83
CA GLU A 64 1.27 -11.67 0.53
C GLU A 64 0.70 -10.26 0.42
N PHE A 65 -0.49 -10.07 0.96
CA PHE A 65 -1.11 -8.75 1.00
C PHE A 65 -0.25 -7.80 1.81
N ALA A 66 0.18 -8.22 3.00
CA ALA A 66 0.99 -7.35 3.85
C ALA A 66 2.31 -7.01 3.20
N ALA A 67 2.90 -7.95 2.47
CA ALA A 67 4.16 -7.68 1.79
C ALA A 67 4.01 -6.56 0.78
N ASP A 68 2.88 -6.52 0.06
CA ASP A 68 2.67 -5.43 -0.89
C ASP A 68 2.42 -4.11 -0.16
N ALA A 69 1.70 -4.12 0.96
CA ALA A 69 1.54 -2.90 1.74
C ALA A 69 2.89 -2.35 2.16
N LEU A 70 3.75 -3.22 2.67
CA LEU A 70 5.06 -2.76 3.13
C LEU A 70 5.92 -2.30 1.98
N LEU A 71 5.75 -2.90 0.79
CA LEU A 71 6.45 -2.45 -0.39
C LEU A 71 6.09 -1.01 -0.75
N VAL A 72 4.81 -0.62 -0.62
CA VAL A 72 4.44 0.78 -0.83
C VAL A 72 5.31 1.69 0.03
N PHE A 73 5.44 1.35 1.31
CA PHE A 73 6.13 2.22 2.25
C PHE A 73 7.64 2.14 2.08
N ASP A 74 8.15 0.95 1.75
CA ASP A 74 9.58 0.79 1.48
C ASP A 74 10.00 1.56 0.24
N ASN A 75 9.18 1.50 -0.82
CA ASN A 75 9.49 2.29 -2.01
C ASN A 75 9.49 3.78 -1.69
N CYS A 76 8.53 4.23 -0.89
CA CYS A 76 8.43 5.64 -0.54
C CYS A 76 9.68 6.10 0.20
N GLN A 77 10.18 5.30 1.14
CA GLN A 77 11.39 5.72 1.85
C GLN A 77 12.64 5.59 0.98
N THR A 78 12.64 4.73 -0.04
CA THR A 78 13.76 4.68 -0.96
C THR A 78 13.83 5.94 -1.81
N PHE A 79 12.70 6.39 -2.31
CA PHE A 79 12.71 7.47 -3.29
C PHE A 79 12.66 8.86 -2.68
N ASN A 80 11.97 9.05 -1.56
CA ASN A 80 11.62 10.37 -1.07
C ASN A 80 12.39 10.68 0.19
N GLU A 81 12.76 11.96 0.34
CA GLU A 81 13.39 12.41 1.58
C GLU A 81 12.40 12.33 2.74
N ASP A 82 12.91 12.09 3.94
CA ASP A 82 12.04 11.90 5.10
C ASP A 82 11.21 13.14 5.42
N ASP A 83 11.74 14.34 5.15
CA ASP A 83 10.99 15.55 5.47
C ASP A 83 10.18 16.09 4.29
N SER A 84 10.13 15.36 3.18
CA SER A 84 9.25 15.75 2.10
C SER A 84 7.81 15.41 2.46
N GLU A 85 6.86 16.03 1.76
CA GLU A 85 5.46 15.76 2.02
C GLU A 85 5.13 14.28 1.80
N VAL A 86 5.62 13.70 0.71
CA VAL A 86 5.33 12.29 0.45
C VAL A 86 6.09 11.39 1.43
N GLY A 87 7.33 11.76 1.77
CA GLY A 87 8.07 10.97 2.76
C GLY A 87 7.36 10.92 4.09
N LYS A 88 6.85 12.06 4.55
CA LYS A 88 6.12 12.11 5.81
C LYS A 88 4.85 11.27 5.73
N ALA A 89 4.15 11.35 4.60
CA ALA A 89 2.94 10.55 4.42
C ALA A 89 3.25 9.06 4.51
N GLY A 90 4.36 8.62 3.92
CA GLY A 90 4.70 7.21 3.99
C GLY A 90 4.88 6.72 5.42
N HIS A 91 5.53 7.53 6.26
CA HIS A 91 5.73 7.14 7.65
C HIS A 91 4.40 7.09 8.41
N ILE A 92 3.49 8.04 8.17
CA ILE A 92 2.17 7.99 8.77
C ILE A 92 1.47 6.71 8.36
N MET A 93 1.50 6.39 7.06
CA MET A 93 0.75 5.25 6.56
C MET A 93 1.32 3.93 7.06
N ARG A 94 2.64 3.83 7.17
CA ARG A 94 3.24 2.62 7.70
C ARG A 94 2.77 2.37 9.13
N ARG A 95 2.78 3.41 9.95
CA ARG A 95 2.33 3.28 11.33
CA ARG A 95 2.33 3.27 11.32
C ARG A 95 0.86 2.88 11.37
N PHE A 96 0.04 3.51 10.54
CA PHE A 96 -1.39 3.18 10.52
C PHE A 96 -1.59 1.72 10.12
N PHE A 97 -0.90 1.28 9.06
CA PHE A 97 -1.02 -0.10 8.62
C PHE A 97 -0.59 -1.06 9.72
N GLU A 98 0.57 -0.82 10.33
CA GLU A 98 1.07 -1.76 11.32
C GLU A 98 0.15 -1.83 12.51
N SER A 99 -0.47 -0.70 12.88
CA SER A 99 -1.40 -0.73 13.99
CA SER A 99 -1.41 -0.71 13.99
C SER A 99 -2.64 -1.57 13.68
N ARG A 100 -3.16 -1.47 12.44
CA ARG A 100 -4.32 -2.28 12.07
C ARG A 100 -3.92 -3.75 11.98
N TRP A 101 -2.73 -4.03 11.44
CA TRP A 101 -2.28 -5.41 11.30
C TRP A 101 -2.08 -6.06 12.65
N GLU A 102 -1.54 -5.29 13.62
CA GLU A 102 -1.21 -5.85 14.93
C GLU A 102 -2.45 -6.26 15.70
N GLU A 103 -3.63 -5.77 15.34
CA GLU A 103 -4.83 -6.27 15.98
C GLU A 103 -5.06 -7.74 15.66
N PHE A 104 -4.59 -8.18 14.49
CA PHE A 104 -4.74 -9.55 14.02
C PHE A 104 -3.51 -10.40 14.25
N TYR A 105 -2.34 -9.78 14.24
CA TYR A 105 -1.07 -10.45 14.42
C TYR A 105 -0.25 -9.67 15.45
C12 GGQ B . 0.52 12.85 -6.58
C14 GGQ B . -1.91 12.53 -5.88
C15 GGQ B . -3.29 12.22 -6.43
C17 GGQ B . -2.84 13.46 -8.36
C18 GGQ B . -1.45 13.83 -7.85
C20 GGQ B . 4.82 11.15 -5.79
C22 GGQ B . 6.09 13.29 -5.29
C23 GGQ B . 6.66 14.58 -5.88
C01 GGQ B . 7.85 10.17 -6.07
C02 GGQ B . 6.77 9.47 -5.26
C04 GGQ B . 5.32 9.93 -5.32
C05 GGQ B . 4.21 9.20 -4.90
C06 GGQ B . 4.24 7.80 -4.29
C08 GGQ B . 3.45 11.09 -5.63
C09 GGQ B . 2.55 12.09 -5.97
C10 GGQ B . 2.92 13.43 -6.02
C21 GGQ B . 5.62 12.31 -6.36
F24 GGQ B . 6.87 15.49 -4.89
F25 GGQ B . 5.77 15.09 -6.79
F26 GGQ B . 7.84 14.30 -6.51
N07 GGQ B . 3.12 9.93 -5.09
N13 GGQ B . -0.89 12.80 -6.94
N16 GGQ B . -3.76 13.21 -7.32
N19 GGQ B . 1.29 11.83 -6.26
O03 GGQ B . 7.07 8.54 -4.58
S11 GGQ B . 1.49 14.26 -6.47
H142 GGQ B . -1.97 13.31 -5.30
H141 GGQ B . -1.61 11.77 -5.35
H152 GGQ B . -3.91 12.15 -5.69
H151 GGQ B . -3.26 11.37 -6.90
H172 GGQ B . -2.77 12.66 -8.92
H171 GGQ B . -3.18 14.19 -8.91
H182 GGQ B . -0.86 13.94 -8.61
H181 GGQ B . -1.51 14.67 -7.37
H222 GGQ B . 5.34 13.51 -4.72
H221 GGQ B . 6.78 12.86 -4.76
H012 GGQ B . 8.39 9.54 -6.50
H013 GGQ B . 8.39 10.69 -5.49
H011 GGQ B . 7.45 10.73 -6.71
H061 GGQ B . 4.89 7.29 -4.75
H062 GGQ B . 3.40 7.40 -4.39
H063 GGQ B . 4.47 7.86 -3.38
H101 GGQ B . 3.77 13.79 -5.83
H212 GGQ B . 6.40 11.96 -6.84
H211 GGQ B . 5.06 12.79 -6.99
H071 GGQ B . 2.32 9.67 -4.91
H161 GGQ B . -4.54 12.97 -7.66
C12 GGQ C . -0.63 17.41 -7.98
C14 GGQ C . -1.73 17.20 -10.28
C15 GGQ C . -3.00 16.60 -10.90
C17 GGQ C . -4.29 17.34 -8.95
C18 GGQ C . -3.04 18.03 -8.43
C20 GGQ C . -0.37 17.77 -3.70
C22 GGQ C . -2.57 16.35 -3.31
C23 GGQ C . -3.67 15.65 -4.12
C01 GGQ C . -1.58 17.66 -0.53
C02 GGQ C . -0.19 18.06 -1.01
C04 GGQ C . 0.30 17.99 -2.48
C05 GGQ C . 1.64 18.15 -2.80
C06 GGQ C . 2.82 18.40 -1.85
C08 GGQ C . 0.64 17.83 -4.69
C09 GGQ C . 0.53 17.67 -6.06
C10 GGQ C . 1.64 17.60 -6.87
C21 GGQ C . -1.87 17.55 -3.98
F24 GGQ C . -3.80 14.37 -3.68
F25 GGQ C . -3.50 15.66 -5.47
F26 GGQ C . -4.83 16.29 -3.81
N07 GGQ C . 1.79 18.05 -4.09
N13 GGQ C . -1.81 17.27 -8.79
N16 GGQ C . -4.24 16.95 -10.32
N19 GGQ C . -0.63 17.57 -6.68
O03 GGQ C . 0.55 18.42 -0.17
S11 GGQ C . 1.01 17.40 -8.47
H142 GGQ C . -1.62 18.10 -10.62
H141 GGQ C . -0.98 16.65 -10.52
H152 GGQ C . -2.91 15.62 -10.86
H151 GGQ C . -3.02 16.86 -11.84
H172 GGQ C . -5.04 17.95 -8.84
H171 GGQ C . -4.46 16.55 -8.41
H182 GGQ C . -2.98 18.93 -8.81
H181 GGQ C . -3.09 18.10 -7.46
H222 GGQ C . -1.89 15.70 -3.11
H221 GGQ C . -2.95 16.65 -2.48
H012 GGQ C . -1.94 17.01 -1.09
H013 GGQ C . -2.13 18.41 -0.53
H011 GGQ C . -1.51 17.32 0.35
H061 GGQ C . 3.34 17.61 -1.79
H062 GGQ C . 2.50 18.63 -1.01
H063 GGQ C . 3.35 19.09 -2.19
H101 GGQ C . 2.54 17.65 -6.62
H212 GGQ C . -2.35 18.35 -3.70
H211 GGQ C . -1.98 17.45 -4.94
H071 GGQ C . 2.55 18.11 -4.52
H161 GGQ C . -4.83 16.29 -10.46
#